data_2Q2T
#
_entry.id   2Q2T
#
_cell.length_a   66.301
_cell.length_b   81.290
_cell.length_c   96.418
_cell.angle_alpha   90.000
_cell.angle_beta   90.000
_cell.angle_gamma   90.000
#
_symmetry.space_group_name_H-M   'P 21 21 21'
#
loop_
_entity.id
_entity.type
_entity.pdbx_description
1 polymer "5'-D(*TP*TP*CP*CP*GP*AP*TP*AP*GP*TP*GP*GP*GP*GP*TP*CP*GP*CP*AP*AP*T)-3'"
2 polymer "5'-D(*AP*TP*TP*GP*CP*GP*AP*CP*(OMC)P*C)-3'"
3 polymer "5'-D(P*CP*AP*CP*TP*AP*TP*CP*GP*GP*AP*A)-3'"
4 polymer 'Chlorella virus DNA ligase'
5 non-polymer 'ADENOSINE MONOPHOSPHATE'
6 water water
#
loop_
_entity_poly.entity_id
_entity_poly.type
_entity_poly.pdbx_seq_one_letter_code
_entity_poly.pdbx_strand_id
1 'polydeoxyribonucleotide'
;(DT)(DT)(DC)(DC)(DG)(DA)(DT)(DA)(DG)(DT)(DG)(DG)(DG)(DG)(DT)(DC)(DG)(DC)(DA)(DA)
(DT)
;
B
2 'polydeoxyribonucleotide/polyribonucleotide hybrid' (DA)(DT)(DT)(DG)(DC)(DG)(DA)(DC)(OMC)(DC) C
3 'polydeoxyribonucleotide' (DC)(DA)(DC)(DT)(DA)(DT)(DC)(DG)(DG)(DA)(DA) D
4 'polypeptide(L)'
;MGHHHHHHHHHHSSGHIEGRHMAITKPLLAATLENIEDVQFPCLATPKIDGIRSVKQTQMLSRTFKPIRNSVMNRLLTEL
LPEGSDGEISIEGATFQDTTSAVMTGHKMYNAKFSYYWFDYVTDDPLKKYIDRVEDMKNYITVHPHILEHAQVKIIPLIP
VEINNITELLQYERDVLSKGFEGVMIRKPDGKYKFGRSTLKEGILLKMKQFKDAEATIISMTALFKNTNTKTKDNFGYSK
RSTHKSGKVEEDVMGSIEVDYDGVVFSIGTGFDADQRRDFWQNKESYIGKMVKFKYFEMGSKDCPRFPVFIGIRHEEDR
;
A
#
# COMPACT_ATOMS: atom_id res chain seq x y z
N MET D 22 18.30 5.04 16.19
CA MET D 22 17.32 6.11 15.86
C MET D 22 16.99 6.10 14.37
N ALA D 23 17.74 5.32 13.60
CA ALA D 23 17.49 5.23 12.17
C ALA D 23 16.41 4.18 11.96
N ILE D 24 15.63 4.35 10.90
CA ILE D 24 14.56 3.42 10.56
C ILE D 24 15.14 2.29 9.72
N THR D 25 15.43 1.16 10.35
CA THR D 25 15.99 0.03 9.64
C THR D 25 15.16 -0.27 8.39
N LYS D 26 13.85 -0.43 8.58
CA LYS D 26 12.93 -0.69 7.48
C LYS D 26 11.55 -0.15 7.85
N PRO D 27 10.80 0.34 6.83
CA PRO D 27 9.46 0.89 7.03
C PRO D 27 8.44 -0.05 7.66
N LEU D 28 7.49 0.54 8.37
CA LEU D 28 6.42 -0.19 9.04
C LEU D 28 5.36 -0.49 7.97
N LEU D 29 4.99 -1.76 7.81
CA LEU D 29 3.96 -2.16 6.85
C LEU D 29 2.70 -2.63 7.58
N ALA D 30 1.56 -2.54 6.91
CA ALA D 30 0.26 -2.89 7.48
C ALA D 30 -0.24 -4.32 7.26
N ALA D 31 -1.01 -4.81 8.22
CA ALA D 31 -1.60 -6.14 8.12
C ALA D 31 -3.02 -5.87 7.63
N THR D 32 -3.64 -6.84 6.99
CA THR D 32 -5.00 -6.65 6.51
C THR D 32 -6.04 -7.13 7.49
N LEU D 33 -7.07 -6.30 7.67
CA LEU D 33 -8.17 -6.61 8.57
C LEU D 33 -9.31 -7.19 7.73
N GLU D 34 -9.72 -8.42 8.06
CA GLU D 34 -10.81 -9.07 7.34
C GLU D 34 -12.07 -9.12 8.20
N ASN D 35 -11.88 -9.47 9.46
CA ASN D 35 -12.99 -9.56 10.41
C ASN D 35 -12.88 -8.42 11.40
N ILE D 36 -13.77 -7.45 11.29
CA ILE D 36 -13.76 -6.28 12.17
C ILE D 36 -13.76 -6.66 13.65
N GLU D 37 -14.22 -7.86 13.96
CA GLU D 37 -14.25 -8.34 15.35
C GLU D 37 -12.83 -8.61 15.87
N ASP D 38 -11.86 -8.62 14.95
CA ASP D 38 -10.48 -8.87 15.33
C ASP D 38 -9.81 -7.60 15.84
N VAL D 39 -10.50 -6.47 15.77
CA VAL D 39 -9.96 -5.21 16.22
C VAL D 39 -9.95 -5.07 17.74
N GLN D 40 -8.82 -4.65 18.28
CA GLN D 40 -8.70 -4.46 19.72
C GLN D 40 -8.97 -2.98 20.01
N PHE D 41 -9.97 -2.72 20.85
CA PHE D 41 -10.32 -1.35 21.22
C PHE D 41 -9.83 -1.01 22.63
N PRO D 42 -9.54 0.27 22.89
CA PRO D 42 -9.65 1.35 21.91
C PRO D 42 -8.49 1.36 20.92
N CYS D 43 -8.68 2.03 19.79
CA CYS D 43 -7.64 2.12 18.77
C CYS D 43 -7.58 3.54 18.20
N LEU D 44 -6.50 3.82 17.48
CA LEU D 44 -6.31 5.14 16.88
C LEU D 44 -6.34 4.99 15.38
N ALA D 45 -7.21 5.76 14.75
CA ALA D 45 -7.39 5.68 13.31
C ALA D 45 -7.09 6.94 12.52
N THR D 46 -6.72 6.72 11.28
CA THR D 46 -6.41 7.80 10.34
C THR D 46 -6.88 7.32 8.98
N PRO D 47 -7.09 8.25 8.05
CA PRO D 47 -7.55 7.90 6.71
C PRO D 47 -6.39 7.29 5.90
N LYS D 48 -6.68 6.27 5.09
CA LYS D 48 -5.67 5.60 4.29
C LYS D 48 -5.42 6.40 3.02
N ILE D 49 -4.17 6.76 2.77
CA ILE D 49 -3.85 7.52 1.56
C ILE D 49 -3.38 6.63 0.43
N ASP D 50 -3.97 6.81 -0.74
CA ASP D 50 -3.62 6.03 -1.91
C ASP D 50 -2.52 6.76 -2.66
N GLY D 51 -1.29 6.58 -2.19
CA GLY D 51 -0.17 7.23 -2.83
C GLY D 51 1.11 6.41 -2.84
N ILE D 52 2.25 7.09 -2.70
CA ILE D 52 3.54 6.43 -2.69
C ILE D 52 4.26 6.75 -1.40
N ARG D 53 4.68 5.69 -0.71
CA ARG D 53 5.37 5.79 0.57
C ARG D 53 6.70 6.53 0.45
N SER D 54 7.07 7.25 1.50
CA SER D 54 8.33 7.97 1.52
C SER D 54 8.73 8.33 2.93
N VAL D 55 9.96 7.95 3.29
CA VAL D 55 10.50 8.21 4.60
C VAL D 55 11.71 9.12 4.45
N LYS D 56 11.90 10.05 5.38
CA LYS D 56 13.05 10.92 5.28
C LYS D 56 14.22 10.35 6.08
N GLN D 57 15.22 9.86 5.35
CA GLN D 57 16.43 9.30 5.95
C GLN D 57 17.54 10.01 5.20
N THR D 58 17.89 11.20 5.68
CA THR D 58 18.90 12.07 5.07
C THR D 58 18.23 12.72 3.87
N GLN D 59 17.67 11.89 3.01
CA GLN D 59 16.92 12.35 1.83
C GLN D 59 15.63 11.52 1.83
N MET D 60 14.72 11.83 0.91
CA MET D 60 13.46 11.09 0.82
C MET D 60 13.63 9.74 0.12
N LEU D 61 13.31 8.68 0.86
CA LEU D 61 13.42 7.32 0.36
C LEU D 61 12.05 6.66 0.11
N SER D 62 11.99 5.78 -0.88
CA SER D 62 10.76 5.06 -1.20
C SER D 62 10.62 3.92 -0.20
N ARG D 63 9.59 3.09 -0.36
CA ARG D 63 9.34 1.99 0.54
C ARG D 63 10.46 0.96 0.55
N THR D 64 11.21 0.87 -0.55
CA THR D 64 12.31 -0.08 -0.61
C THR D 64 13.64 0.62 -0.35
N PHE D 65 13.55 1.80 0.27
CA PHE D 65 14.70 2.62 0.60
C PHE D 65 15.57 3.02 -0.57
N LYS D 66 14.93 3.34 -1.68
CA LYS D 66 15.62 3.81 -2.86
C LYS D 66 15.21 5.27 -2.90
N PRO D 67 16.10 6.16 -3.34
CA PRO D 67 15.69 7.56 -3.38
C PRO D 67 14.54 7.85 -4.33
N ILE D 68 13.76 8.87 -3.96
CA ILE D 68 12.61 9.32 -4.76
C ILE D 68 13.16 9.95 -6.04
N ARG D 69 12.74 9.46 -7.18
CA ARG D 69 13.20 9.95 -8.48
C ARG D 69 13.00 11.43 -8.75
N ASN D 70 11.83 11.97 -8.44
CA ASN D 70 11.52 13.37 -8.68
C ASN D 70 12.33 14.28 -7.75
N SER D 71 13.62 14.46 -8.06
CA SER D 71 14.53 15.28 -7.26
C SER D 71 13.94 16.54 -6.63
N VAL D 72 12.99 17.18 -7.31
CA VAL D 72 12.36 18.38 -6.77
C VAL D 72 11.54 18.06 -5.53
N MET D 73 10.86 16.91 -5.53
CA MET D 73 10.06 16.52 -4.37
C MET D 73 11.00 16.14 -3.23
N ASN D 74 12.01 15.35 -3.56
CA ASN D 74 13.00 14.90 -2.58
C ASN D 74 13.57 16.13 -1.88
N ARG D 75 14.06 17.05 -2.71
CA ARG D 75 14.66 18.29 -2.23
C ARG D 75 13.69 19.08 -1.35
N LEU D 76 12.50 19.37 -1.88
CA LEU D 76 11.52 20.15 -1.12
C LEU D 76 11.12 19.51 0.21
N LEU D 77 10.90 18.20 0.20
CA LEU D 77 10.49 17.48 1.41
C LEU D 77 11.65 17.29 2.38
N THR D 78 12.84 17.05 1.86
CA THR D 78 14.02 16.86 2.70
C THR D 78 14.24 18.10 3.55
N GLU D 79 13.93 19.27 2.98
CA GLU D 79 14.09 20.54 3.66
C GLU D 79 12.99 20.79 4.71
N LEU D 80 11.73 20.62 4.31
CA LEU D 80 10.61 20.86 5.22
C LEU D 80 10.42 19.85 6.36
N LEU D 81 10.74 18.58 6.11
CA LEU D 81 10.55 17.53 7.10
C LEU D 81 11.77 17.15 7.94
N PRO D 82 11.55 16.80 9.22
CA PRO D 82 12.63 16.40 10.13
C PRO D 82 13.03 14.94 9.90
N GLU D 83 14.31 14.65 10.09
CA GLU D 83 14.83 13.29 9.92
C GLU D 83 13.94 12.29 10.66
N GLY D 84 13.50 11.24 9.96
CA GLY D 84 12.65 10.25 10.60
C GLY D 84 11.17 10.37 10.29
N SER D 85 10.80 11.31 9.43
CA SER D 85 9.40 11.48 9.07
C SER D 85 8.96 10.28 8.24
N ASP D 86 7.67 9.93 8.35
CA ASP D 86 7.08 8.82 7.60
C ASP D 86 5.76 9.31 7.02
N GLY D 87 5.56 9.06 5.73
CA GLY D 87 4.33 9.50 5.12
C GLY D 87 4.14 9.00 3.70
N GLU D 88 3.16 9.58 3.03
CA GLU D 88 2.85 9.21 1.67
C GLU D 88 2.70 10.45 0.81
N ILE D 89 3.27 10.38 -0.38
CA ILE D 89 3.19 11.48 -1.35
C ILE D 89 1.94 11.27 -2.20
N SER D 90 1.20 12.34 -2.45
CA SER D 90 -0.03 12.23 -3.23
C SER D 90 -0.45 13.54 -3.91
N ILE D 91 -0.94 13.44 -5.15
CA ILE D 91 -1.40 14.62 -5.89
C ILE D 91 -2.91 14.78 -5.71
N GLU D 92 -3.34 15.93 -5.19
CA GLU D 92 -4.78 16.16 -4.99
C GLU D 92 -5.52 16.26 -6.31
N GLY D 93 -6.61 15.52 -6.43
CA GLY D 93 -7.42 15.55 -7.63
C GLY D 93 -6.84 14.77 -8.80
N ALA D 94 -5.69 14.15 -8.59
CA ALA D 94 -5.06 13.38 -9.67
C ALA D 94 -5.39 11.91 -9.54
N THR D 95 -5.25 11.17 -10.64
CA THR D 95 -5.49 9.73 -10.62
C THR D 95 -4.27 9.15 -9.92
N PHE D 96 -4.35 7.90 -9.51
CA PHE D 96 -3.22 7.26 -8.85
C PHE D 96 -2.04 7.20 -9.80
N GLN D 97 -2.31 6.83 -11.06
CA GLN D 97 -1.26 6.75 -12.07
C GLN D 97 -0.58 8.10 -12.31
N ASP D 98 -1.32 9.20 -12.21
CA ASP D 98 -0.70 10.51 -12.40
C ASP D 98 0.26 10.79 -11.24
N THR D 99 -0.14 10.41 -10.04
CA THR D 99 0.73 10.59 -8.88
C THR D 99 1.99 9.75 -9.07
N THR D 100 1.82 8.54 -9.61
CA THR D 100 2.94 7.63 -9.81
C THR D 100 3.94 8.24 -10.79
N SER D 101 3.43 8.77 -11.89
CA SER D 101 4.26 9.40 -12.90
C SER D 101 5.08 10.56 -12.32
N ALA D 102 4.41 11.40 -11.54
CA ALA D 102 5.06 12.55 -10.94
C ALA D 102 6.17 12.17 -9.97
N VAL D 103 5.91 11.15 -9.15
CA VAL D 103 6.87 10.70 -8.15
C VAL D 103 8.01 9.83 -8.70
N MET D 104 7.70 8.90 -9.59
CA MET D 104 8.69 8.00 -10.17
C MET D 104 9.53 8.55 -11.31
N THR D 105 9.18 9.73 -11.80
CA THR D 105 9.93 10.33 -12.89
C THR D 105 11.07 11.19 -12.37
N GLY D 106 12.28 10.99 -12.92
CA GLY D 106 13.41 11.79 -12.48
C GLY D 106 13.34 13.17 -13.14
N HIS D 107 12.31 13.93 -12.79
CA HIS D 107 12.12 15.25 -13.36
C HIS D 107 13.26 16.22 -13.06
N LYS D 108 13.68 16.96 -14.08
CA LYS D 108 14.74 17.94 -13.91
C LYS D 108 14.19 19.04 -13.02
N MET D 109 13.04 19.58 -13.41
CA MET D 109 12.37 20.63 -12.66
C MET D 109 10.89 20.26 -12.64
N TYR D 110 10.21 20.59 -11.54
CA TYR D 110 8.81 20.24 -11.38
C TYR D 110 8.11 21.32 -10.57
N ASN D 111 7.11 21.97 -11.18
CA ASN D 111 6.39 23.06 -10.54
C ASN D 111 4.99 22.77 -9.99
N ALA D 112 4.38 21.67 -10.41
CA ALA D 112 3.04 21.29 -9.97
C ALA D 112 2.91 21.10 -8.46
N LYS D 113 1.73 21.38 -7.93
CA LYS D 113 1.48 21.22 -6.49
C LYS D 113 1.32 19.74 -6.14
N PHE D 114 1.69 19.39 -4.91
CA PHE D 114 1.57 18.02 -4.45
C PHE D 114 1.52 18.01 -2.93
N SER D 115 0.93 16.96 -2.36
CA SER D 115 0.81 16.87 -0.91
C SER D 115 1.64 15.75 -0.35
N TYR D 116 1.85 15.80 0.95
CA TYR D 116 2.60 14.78 1.65
C TYR D 116 1.87 14.54 2.95
N TYR D 117 1.26 13.37 3.09
CA TYR D 117 0.56 13.05 4.32
C TYR D 117 1.55 12.47 5.29
N TRP D 118 1.85 13.23 6.33
CA TRP D 118 2.81 12.84 7.35
C TRP D 118 2.07 12.08 8.46
N PHE D 119 2.31 10.77 8.54
CA PHE D 119 1.61 9.97 9.54
C PHE D 119 2.42 9.32 10.64
N ASP D 120 3.74 9.47 10.58
CA ASP D 120 4.58 8.91 11.64
C ASP D 120 5.90 9.64 11.77
N TYR D 121 6.52 9.52 12.93
CA TYR D 121 7.77 10.22 13.18
C TYR D 121 8.65 9.46 14.17
N VAL D 122 9.78 8.97 13.69
CA VAL D 122 10.72 8.23 14.53
C VAL D 122 11.88 9.17 14.88
N THR D 123 11.98 9.53 16.15
CA THR D 123 13.05 10.42 16.60
C THR D 123 14.27 9.62 17.03
N ASP D 124 14.33 9.28 18.31
CA ASP D 124 15.45 8.53 18.86
C ASP D 124 15.12 7.06 19.07
N ASP D 125 14.09 6.79 19.86
CA ASP D 125 13.68 5.43 20.15
C ASP D 125 12.52 4.97 19.27
N PRO D 126 12.68 3.82 18.61
CA PRO D 126 11.61 3.29 17.75
C PRO D 126 10.52 2.66 18.62
N LEU D 127 10.91 2.21 19.81
CA LEU D 127 9.99 1.56 20.76
C LEU D 127 9.07 2.53 21.47
N LYS D 128 9.10 3.80 21.11
CA LYS D 128 8.22 4.77 21.74
C LYS D 128 6.78 4.45 21.32
N LYS D 129 5.83 4.65 22.22
CA LYS D 129 4.42 4.36 21.93
C LYS D 129 3.85 5.29 20.85
N TYR D 130 3.15 4.72 19.88
CA TYR D 130 2.54 5.47 18.78
C TYR D 130 1.93 6.81 19.22
N ILE D 131 1.15 6.82 20.30
CA ILE D 131 0.52 8.06 20.78
C ILE D 131 1.57 9.13 21.07
N ASP D 132 2.69 8.70 21.62
CA ASP D 132 3.77 9.63 21.95
C ASP D 132 4.42 10.15 20.68
N ARG D 133 4.67 9.25 19.72
CA ARG D 133 5.28 9.65 18.46
C ARG D 133 4.38 10.68 17.77
N VAL D 134 3.08 10.55 17.98
CA VAL D 134 2.14 11.51 17.40
C VAL D 134 2.34 12.84 18.12
N GLU D 135 2.51 12.75 19.43
CA GLU D 135 2.73 13.94 20.25
C GLU D 135 3.96 14.69 19.73
N ASP D 136 5.00 13.94 19.38
CA ASP D 136 6.22 14.53 18.84
C ASP D 136 5.88 15.33 17.59
N MET D 137 5.02 14.76 16.76
CA MET D 137 4.59 15.43 15.53
C MET D 137 3.84 16.70 15.85
N LYS D 138 2.89 16.62 16.77
CA LYS D 138 2.08 17.77 17.16
C LYS D 138 2.97 18.89 17.70
N ASN D 139 3.95 18.51 18.51
CA ASN D 139 4.90 19.46 19.11
C ASN D 139 5.78 20.11 18.05
N TYR D 140 6.31 19.30 17.15
CA TYR D 140 7.17 19.81 16.08
C TYR D 140 6.42 20.82 15.22
N ILE D 141 5.16 20.51 14.90
CA ILE D 141 4.33 21.37 14.08
C ILE D 141 4.08 22.71 14.77
N THR D 142 3.96 22.68 16.09
CA THR D 142 3.73 23.88 16.88
C THR D 142 4.95 24.79 16.80
N VAL D 143 6.13 24.17 16.72
CA VAL D 143 7.40 24.89 16.65
C VAL D 143 7.80 25.36 15.25
N HIS D 144 7.29 24.68 14.21
CA HIS D 144 7.62 25.07 12.84
C HIS D 144 6.35 25.20 12.00
N PRO D 145 5.46 26.11 12.38
CA PRO D 145 4.21 26.34 11.65
C PRO D 145 4.34 26.46 10.13
N HIS D 146 5.38 27.16 9.69
CA HIS D 146 5.60 27.38 8.27
C HIS D 146 5.66 26.13 7.38
N ILE D 147 6.03 24.98 7.96
CA ILE D 147 6.12 23.76 7.16
C ILE D 147 4.80 23.26 6.60
N LEU D 148 3.69 23.85 7.04
CA LEU D 148 2.37 23.45 6.54
C LEU D 148 1.82 24.55 5.65
N GLU D 149 2.68 25.53 5.37
CA GLU D 149 2.29 26.69 4.58
C GLU D 149 3.00 26.82 3.24
N HIS D 150 3.90 25.89 2.93
CA HIS D 150 4.62 25.97 1.66
C HIS D 150 3.66 26.09 0.48
N ALA D 151 3.97 26.99 -0.44
CA ALA D 151 3.13 27.25 -1.61
C ALA D 151 3.04 26.14 -2.65
N GLN D 152 3.97 25.19 -2.63
CA GLN D 152 3.94 24.10 -3.62
C GLN D 152 3.67 22.73 -2.98
N VAL D 153 4.19 22.54 -1.78
CA VAL D 153 4.03 21.28 -1.08
C VAL D 153 3.09 21.44 0.09
N LYS D 154 1.95 20.76 0.03
CA LYS D 154 1.02 20.83 1.15
C LYS D 154 1.31 19.65 2.06
N ILE D 155 1.97 19.93 3.18
CA ILE D 155 2.27 18.89 4.13
C ILE D 155 1.07 18.76 5.05
N ILE D 156 0.43 17.59 5.00
CA ILE D 156 -0.75 17.32 5.80
C ILE D 156 -0.47 16.29 6.88
N PRO D 157 -0.50 16.71 8.15
CA PRO D 157 -0.26 15.83 9.30
C PRO D 157 -1.48 14.94 9.57
N LEU D 158 -1.25 13.66 9.87
CA LEU D 158 -2.36 12.77 10.15
C LEU D 158 -2.40 12.41 11.64
N ILE D 159 -3.16 13.17 12.39
CA ILE D 159 -3.31 12.94 13.82
C ILE D 159 -4.47 11.96 13.95
N PRO D 160 -4.21 10.77 14.50
CA PRO D 160 -5.26 9.76 14.65
C PRO D 160 -6.44 10.19 15.49
N VAL D 161 -7.58 9.57 15.22
CA VAL D 161 -8.82 9.82 15.92
C VAL D 161 -9.06 8.62 16.82
N GLU D 162 -9.65 8.84 17.99
CA GLU D 162 -9.90 7.73 18.89
C GLU D 162 -11.22 7.02 18.55
N ILE D 163 -11.18 5.71 18.40
CA ILE D 163 -12.36 4.90 18.08
C ILE D 163 -12.50 3.88 19.19
N ASN D 164 -13.64 3.86 19.87
CA ASN D 164 -13.83 2.94 20.99
C ASN D 164 -14.64 1.68 20.72
N ASN D 165 -15.27 1.60 19.57
CA ASN D 165 -16.06 0.42 19.27
C ASN D 165 -16.34 0.30 17.78
N ILE D 166 -16.92 -0.83 17.40
CA ILE D 166 -17.27 -1.12 16.01
C ILE D 166 -18.18 -0.05 15.42
N THR D 167 -19.18 0.38 16.18
CA THR D 167 -20.09 1.39 15.65
C THR D 167 -19.34 2.67 15.30
N GLU D 168 -18.35 3.01 16.12
CA GLU D 168 -17.55 4.19 15.82
C GLU D 168 -16.64 3.95 14.62
N LEU D 169 -15.97 2.80 14.57
CA LEU D 169 -15.08 2.48 13.46
C LEU D 169 -15.83 2.54 12.13
N LEU D 170 -17.00 1.91 12.08
CA LEU D 170 -17.78 1.91 10.84
C LEU D 170 -18.19 3.33 10.43
N GLN D 171 -18.55 4.15 11.43
CA GLN D 171 -18.95 5.52 11.15
C GLN D 171 -17.75 6.28 10.61
N TYR D 172 -16.60 6.09 11.24
CA TYR D 172 -15.39 6.78 10.77
C TYR D 172 -15.09 6.37 9.33
N GLU D 173 -15.20 5.09 9.03
CA GLU D 173 -14.97 4.58 7.68
C GLU D 173 -15.88 5.29 6.68
N ARG D 174 -17.18 5.29 6.94
CA ARG D 174 -18.11 5.97 6.05
C ARG D 174 -17.65 7.41 5.84
N ASP D 175 -17.19 8.06 6.91
CA ASP D 175 -16.76 9.46 6.79
C ASP D 175 -15.52 9.66 5.87
N VAL D 176 -14.44 8.92 6.12
CA VAL D 176 -13.26 9.09 5.29
C VAL D 176 -13.53 8.70 3.84
N LEU D 177 -14.36 7.68 3.61
CA LEU D 177 -14.65 7.30 2.22
C LEU D 177 -15.43 8.40 1.49
N SER D 178 -16.30 9.11 2.20
CA SER D 178 -17.06 10.16 1.54
C SER D 178 -16.12 11.31 1.19
N LYS D 179 -15.08 11.51 1.99
CA LYS D 179 -14.12 12.58 1.74
C LYS D 179 -13.10 12.23 0.66
N GLY D 180 -13.22 11.04 0.08
CA GLY D 180 -12.33 10.65 -0.99
C GLY D 180 -11.13 9.77 -0.67
N PHE D 181 -10.95 9.40 0.59
CA PHE D 181 -9.81 8.57 0.95
C PHE D 181 -9.95 7.11 0.51
N GLU D 182 -8.83 6.40 0.50
CA GLU D 182 -8.81 5.00 0.08
C GLU D 182 -9.40 4.03 1.09
N GLY D 183 -9.38 4.41 2.36
CA GLY D 183 -9.91 3.53 3.40
C GLY D 183 -9.48 4.06 4.74
N VAL D 184 -9.30 3.18 5.71
CA VAL D 184 -8.88 3.63 7.02
C VAL D 184 -7.75 2.77 7.58
N MET D 185 -6.82 3.40 8.29
CA MET D 185 -5.72 2.67 8.89
C MET D 185 -5.95 2.69 10.39
N ILE D 186 -5.71 1.56 11.05
CA ILE D 186 -5.93 1.45 12.48
C ILE D 186 -4.65 1.14 13.24
N ARG D 187 -4.46 1.84 14.35
CA ARG D 187 -3.25 1.61 15.13
C ARG D 187 -3.50 1.32 16.58
N LYS D 188 -2.67 0.46 17.15
CA LYS D 188 -2.77 0.15 18.57
C LYS D 188 -2.07 1.36 19.19
N PRO D 189 -2.74 2.05 20.13
CA PRO D 189 -2.18 3.24 20.80
C PRO D 189 -0.72 3.14 21.26
N ASP D 190 -0.39 2.03 21.94
CA ASP D 190 0.96 1.81 22.46
C ASP D 190 1.87 1.05 21.50
N GLY D 191 1.41 0.87 20.28
CA GLY D 191 2.21 0.14 19.30
C GLY D 191 3.54 0.80 18.98
N LYS D 192 4.59 0.00 18.95
CA LYS D 192 5.92 0.50 18.63
C LYS D 192 6.02 0.69 17.12
N TYR D 193 7.12 1.27 16.67
CA TYR D 193 7.34 1.43 15.24
C TYR D 193 8.14 0.20 14.84
N LYS D 194 7.43 -0.84 14.43
CA LYS D 194 8.05 -2.09 14.03
C LYS D 194 8.76 -2.00 12.69
N PHE D 195 9.96 -2.55 12.65
CA PHE D 195 10.74 -2.57 11.42
C PHE D 195 10.26 -3.82 10.68
N GLY D 196 9.28 -3.62 9.81
CA GLY D 196 8.72 -4.72 9.06
C GLY D 196 7.21 -4.63 9.05
N ARG D 197 6.58 -5.71 8.63
CA ARG D 197 5.13 -5.76 8.54
C ARG D 197 4.44 -6.23 9.81
N SER D 198 3.47 -5.43 10.23
CA SER D 198 2.70 -5.77 11.42
C SER D 198 1.86 -7.01 11.15
N THR D 199 1.54 -7.75 12.20
CA THR D 199 0.70 -8.92 12.02
C THR D 199 -0.70 -8.54 12.52
N LEU D 200 -1.66 -9.43 12.28
CA LEU D 200 -3.01 -9.18 12.71
C LEU D 200 -3.08 -9.18 14.24
N LYS D 201 -2.62 -10.25 14.87
CA LYS D 201 -2.63 -10.35 16.32
C LYS D 201 -1.99 -9.13 16.97
N GLU D 202 -0.85 -8.72 16.45
CA GLU D 202 -0.14 -7.56 16.98
C GLU D 202 -1.00 -6.29 16.97
N GLY D 203 -1.74 -6.08 15.88
CA GLY D 203 -2.58 -4.91 15.78
C GLY D 203 -1.85 -3.59 15.78
N ILE D 204 -0.56 -3.59 15.43
CA ILE D 204 0.22 -2.37 15.40
C ILE D 204 -0.23 -1.45 14.27
N LEU D 205 -0.48 -2.03 13.11
CA LEU D 205 -0.91 -1.26 11.95
C LEU D 205 -1.80 -2.16 11.10
N LEU D 206 -3.07 -1.77 10.94
CA LEU D 206 -4.00 -2.57 10.17
C LEU D 206 -4.58 -1.69 9.07
N LYS D 207 -4.82 -2.25 7.90
CA LYS D 207 -5.40 -1.50 6.80
C LYS D 207 -6.82 -2.02 6.66
N MET D 208 -7.74 -1.15 6.25
CA MET D 208 -9.14 -1.53 6.11
C MET D 208 -9.64 -1.00 4.75
N LYS D 209 -9.70 -1.89 3.77
CA LYS D 209 -10.14 -1.50 2.44
C LYS D 209 -11.35 -2.31 2.01
N GLN D 210 -12.26 -1.66 1.31
CA GLN D 210 -13.45 -2.37 0.85
C GLN D 210 -13.29 -2.81 -0.60
N PHE D 211 -13.32 -4.13 -0.82
CA PHE D 211 -13.19 -4.68 -2.17
C PHE D 211 -14.60 -5.00 -2.70
N LYS D 212 -14.73 -5.06 -4.02
CA LYS D 212 -16.00 -5.36 -4.64
C LYS D 212 -15.99 -6.73 -5.32
N ASP D 213 -17.02 -7.54 -5.09
CA ASP D 213 -17.08 -8.84 -5.72
C ASP D 213 -17.67 -8.74 -7.13
N ALA D 214 -17.25 -9.64 -8.01
CA ALA D 214 -17.72 -9.65 -9.38
C ALA D 214 -17.50 -11.04 -9.97
N GLU D 215 -17.90 -11.22 -11.23
CA GLU D 215 -17.73 -12.49 -11.92
C GLU D 215 -17.19 -12.24 -13.32
N ALA D 216 -16.42 -13.18 -13.82
CA ALA D 216 -15.85 -13.06 -15.15
C ALA D 216 -15.71 -14.45 -15.77
N THR D 217 -15.59 -14.48 -17.11
CA THR D 217 -15.47 -15.72 -17.84
C THR D 217 -14.03 -16.01 -18.23
N ILE D 218 -13.58 -17.21 -17.93
CA ILE D 218 -12.22 -17.62 -18.27
C ILE D 218 -12.11 -17.75 -19.78
N ILE D 219 -11.11 -17.10 -20.37
CA ILE D 219 -10.94 -17.21 -21.81
C ILE D 219 -9.65 -17.96 -22.15
N SER D 220 -8.72 -18.04 -21.20
CA SER D 220 -7.48 -18.78 -21.42
C SER D 220 -6.71 -18.95 -20.12
N MET D 221 -5.64 -19.72 -20.19
CA MET D 221 -4.80 -19.99 -19.03
C MET D 221 -3.33 -19.91 -19.41
N THR D 222 -2.52 -19.41 -18.48
CA THR D 222 -1.09 -19.29 -18.69
C THR D 222 -0.38 -20.05 -17.58
N ALA D 223 0.64 -20.80 -17.97
CA ALA D 223 1.43 -21.60 -17.04
C ALA D 223 2.19 -20.78 -16.00
N LEU D 224 2.43 -21.40 -14.85
CA LEU D 224 3.17 -20.77 -13.76
C LEU D 224 4.65 -20.79 -14.13
N PHE D 225 5.39 -19.75 -13.74
CA PHE D 225 6.82 -19.71 -14.04
C PHE D 225 7.70 -19.52 -12.81
N LYS D 226 8.59 -20.48 -12.57
CA LYS D 226 9.51 -20.38 -11.45
C LYS D 226 10.68 -19.49 -11.87
N ASN D 227 11.09 -18.59 -10.97
CA ASN D 227 12.19 -17.67 -11.25
C ASN D 227 13.51 -18.19 -10.70
N THR D 228 14.38 -18.63 -11.60
CA THR D 228 15.68 -19.17 -11.21
C THR D 228 16.83 -18.18 -11.41
N ASN D 229 16.51 -16.90 -11.57
CA ASN D 229 17.57 -15.91 -11.75
C ASN D 229 18.42 -15.87 -10.49
N THR D 230 19.68 -15.48 -10.64
CA THR D 230 20.62 -15.41 -9.53
C THR D 230 20.08 -14.68 -8.29
N LYS D 231 19.89 -15.43 -7.22
CA LYS D 231 19.38 -14.90 -5.95
C LYS D 231 20.42 -14.05 -5.23
N THR D 232 20.12 -12.77 -5.03
CA THR D 232 21.05 -11.87 -4.34
C THR D 232 20.48 -11.41 -3.00
N LYS D 233 20.79 -10.17 -2.63
CA LYS D 233 20.32 -9.57 -1.39
C LYS D 233 19.86 -8.17 -1.75
N ASP D 234 19.00 -7.58 -0.92
CA ASP D 234 18.49 -6.24 -1.21
C ASP D 234 18.83 -5.23 -0.11
N ASN D 235 18.34 -4.00 -0.29
CA ASN D 235 18.56 -2.90 0.65
C ASN D 235 18.34 -3.26 2.11
N PHE D 236 17.57 -4.32 2.37
CA PHE D 236 17.28 -4.73 3.73
C PHE D 236 17.89 -6.08 4.09
N GLY D 237 18.34 -6.82 3.09
CA GLY D 237 18.93 -8.12 3.33
C GLY D 237 18.03 -9.27 2.93
N TYR D 238 16.94 -8.96 2.22
CA TYR D 238 16.01 -9.98 1.76
C TYR D 238 16.43 -10.58 0.42
N SER D 239 15.96 -11.79 0.15
CA SER D 239 16.29 -12.46 -1.09
C SER D 239 15.75 -11.66 -2.27
N LYS D 240 16.63 -11.25 -3.16
CA LYS D 240 16.21 -10.50 -4.34
C LYS D 240 16.62 -11.28 -5.58
N ARG D 241 15.66 -11.49 -6.48
CA ARG D 241 15.96 -12.20 -7.69
C ARG D 241 15.47 -11.32 -8.85
N SER D 242 16.28 -11.23 -9.90
CA SER D 242 15.94 -10.44 -11.06
C SER D 242 14.81 -11.13 -11.82
N THR D 243 14.16 -10.42 -12.76
CA THR D 243 13.08 -11.04 -13.52
C THR D 243 13.39 -11.25 -15.00
N HIS D 244 14.66 -11.39 -15.34
CA HIS D 244 15.02 -11.63 -16.74
C HIS D 244 14.26 -12.86 -17.21
N LYS D 245 13.63 -12.77 -18.38
CA LYS D 245 12.87 -13.88 -18.91
C LYS D 245 13.75 -15.12 -19.06
N SER D 246 15.06 -14.92 -19.05
CA SER D 246 16.02 -16.00 -19.18
C SER D 246 15.93 -16.99 -18.02
N GLY D 247 15.81 -16.47 -16.80
CA GLY D 247 15.72 -17.35 -15.64
C GLY D 247 14.35 -17.93 -15.37
N LYS D 248 13.37 -17.61 -16.21
CA LYS D 248 12.00 -18.11 -16.04
C LYS D 248 11.78 -19.50 -16.64
N VAL D 249 11.49 -20.48 -15.81
CA VAL D 249 11.26 -21.84 -16.29
C VAL D 249 9.81 -22.27 -16.05
N GLU D 250 9.14 -22.64 -17.14
CA GLU D 250 7.74 -23.05 -17.05
C GLU D 250 7.50 -24.29 -16.20
N GLU D 251 6.39 -24.29 -15.47
CA GLU D 251 6.02 -25.40 -14.61
C GLU D 251 4.73 -26.01 -15.15
N ASP D 252 4.37 -27.19 -14.67
CA ASP D 252 3.16 -27.84 -15.16
C ASP D 252 1.94 -27.53 -14.30
N VAL D 253 1.80 -26.26 -13.93
CA VAL D 253 0.68 -25.78 -13.12
C VAL D 253 0.26 -24.40 -13.60
N MET D 254 -1.01 -24.07 -13.40
CA MET D 254 -1.55 -22.78 -13.82
C MET D 254 -0.91 -21.60 -13.09
N GLY D 255 -0.56 -20.57 -13.85
CA GLY D 255 0.04 -19.39 -13.24
C GLY D 255 -0.97 -18.28 -13.10
N SER D 256 -1.81 -18.12 -14.11
CA SER D 256 -2.84 -17.10 -14.09
C SER D 256 -3.88 -17.44 -15.14
N ILE D 257 -5.07 -16.89 -14.97
CA ILE D 257 -6.13 -17.10 -15.93
C ILE D 257 -6.48 -15.75 -16.53
N GLU D 258 -6.87 -15.76 -17.80
CA GLU D 258 -7.27 -14.53 -18.47
C GLU D 258 -8.79 -14.58 -18.42
N VAL D 259 -9.42 -13.49 -17.99
CA VAL D 259 -10.88 -13.48 -17.90
C VAL D 259 -11.54 -12.32 -18.64
N ASP D 260 -12.85 -12.46 -18.85
CA ASP D 260 -13.64 -11.46 -19.56
C ASP D 260 -14.72 -10.92 -18.62
N TYR D 261 -14.45 -9.74 -18.09
CA TYR D 261 -15.38 -9.08 -17.18
C TYR D 261 -16.23 -8.14 -18.02
N ASP D 262 -17.40 -8.62 -18.43
CA ASP D 262 -18.34 -7.83 -19.24
C ASP D 262 -17.64 -6.98 -20.30
N GLY D 263 -16.74 -7.59 -21.07
CA GLY D 263 -16.03 -6.88 -22.10
C GLY D 263 -14.58 -6.52 -21.78
N VAL D 264 -14.27 -6.36 -20.48
CA VAL D 264 -12.92 -6.00 -20.07
C VAL D 264 -12.09 -7.27 -19.87
N VAL D 265 -10.96 -7.35 -20.56
CA VAL D 265 -10.09 -8.52 -20.48
C VAL D 265 -8.84 -8.24 -19.65
N PHE D 266 -8.62 -9.06 -18.63
CA PHE D 266 -7.46 -8.89 -17.78
C PHE D 266 -7.12 -10.24 -17.15
N SER D 267 -6.08 -10.28 -16.32
CA SER D 267 -5.69 -11.53 -15.72
C SER D 267 -5.78 -11.55 -14.20
N ILE D 268 -6.08 -12.72 -13.67
CA ILE D 268 -6.18 -12.97 -12.24
C ILE D 268 -5.17 -14.07 -11.94
N GLY D 269 -4.20 -13.77 -11.08
CA GLY D 269 -3.17 -14.73 -10.77
C GLY D 269 -2.91 -15.00 -9.29
N THR D 270 -3.59 -14.27 -8.40
CA THR D 270 -3.41 -14.51 -6.99
C THR D 270 -4.74 -15.00 -6.44
N GLY D 271 -4.70 -15.69 -5.30
CA GLY D 271 -5.91 -16.21 -4.72
C GLY D 271 -6.05 -17.70 -4.95
N PHE D 272 -5.07 -18.29 -5.62
CA PHE D 272 -5.09 -19.73 -5.89
C PHE D 272 -4.11 -20.45 -4.98
N ASP D 273 -4.49 -21.64 -4.50
CA ASP D 273 -3.54 -22.40 -3.67
C ASP D 273 -2.86 -23.40 -4.60
N ALA D 274 -1.94 -24.19 -4.06
CA ALA D 274 -1.20 -25.15 -4.88
C ALA D 274 -2.10 -26.15 -5.61
N ASP D 275 -3.04 -26.75 -4.88
CA ASP D 275 -3.94 -27.72 -5.48
C ASP D 275 -4.78 -27.15 -6.60
N GLN D 276 -5.16 -25.89 -6.48
CA GLN D 276 -5.98 -25.25 -7.51
C GLN D 276 -5.16 -24.99 -8.76
N ARG D 277 -3.91 -24.59 -8.59
CA ARG D 277 -3.09 -24.33 -9.77
C ARG D 277 -2.95 -25.64 -10.53
N ARG D 278 -2.88 -26.75 -9.81
CA ARG D 278 -2.78 -28.05 -10.44
C ARG D 278 -4.09 -28.37 -11.15
N ASP D 279 -5.17 -28.38 -10.38
CA ASP D 279 -6.50 -28.67 -10.92
C ASP D 279 -6.83 -27.81 -12.14
N PHE D 280 -6.50 -26.53 -12.08
CA PHE D 280 -6.78 -25.64 -13.20
C PHE D 280 -6.02 -26.03 -14.45
N TRP D 281 -4.74 -26.35 -14.30
CA TRP D 281 -3.92 -26.74 -15.45
C TRP D 281 -4.38 -28.11 -15.98
N GLN D 282 -4.61 -29.06 -15.08
CA GLN D 282 -5.05 -30.40 -15.45
C GLN D 282 -6.31 -30.36 -16.33
N ASN D 283 -7.23 -29.46 -15.97
CA ASN D 283 -8.48 -29.33 -16.70
C ASN D 283 -8.59 -28.01 -17.44
N LYS D 284 -7.46 -27.51 -17.93
CA LYS D 284 -7.45 -26.25 -18.63
C LYS D 284 -8.53 -26.20 -19.72
N GLU D 285 -8.76 -27.32 -20.39
CA GLU D 285 -9.76 -27.35 -21.46
C GLU D 285 -11.18 -27.13 -21.00
N SER D 286 -11.61 -27.88 -19.99
CA SER D 286 -12.97 -27.77 -19.49
C SER D 286 -13.28 -26.47 -18.74
N TYR D 287 -12.26 -25.83 -18.18
CA TYR D 287 -12.48 -24.59 -17.43
C TYR D 287 -12.64 -23.35 -18.31
N ILE D 288 -12.08 -23.40 -19.51
CA ILE D 288 -12.20 -22.28 -20.44
C ILE D 288 -13.69 -22.09 -20.70
N GLY D 289 -14.19 -20.86 -20.52
CA GLY D 289 -15.60 -20.60 -20.74
C GLY D 289 -16.40 -20.57 -19.45
N LYS D 290 -15.85 -21.11 -18.38
CA LYS D 290 -16.55 -21.10 -17.10
C LYS D 290 -16.40 -19.76 -16.39
N MET D 291 -17.41 -19.42 -15.59
CA MET D 291 -17.48 -18.18 -14.83
C MET D 291 -16.75 -18.29 -13.48
N VAL D 292 -15.91 -17.32 -13.16
CA VAL D 292 -15.20 -17.33 -11.88
C VAL D 292 -15.60 -16.10 -11.08
N LYS D 293 -15.68 -16.24 -9.75
CA LYS D 293 -15.99 -15.11 -8.90
C LYS D 293 -14.63 -14.59 -8.43
N PHE D 294 -14.49 -13.26 -8.40
CA PHE D 294 -13.24 -12.64 -8.00
C PHE D 294 -13.59 -11.33 -7.33
N LYS D 295 -12.60 -10.67 -6.73
CA LYS D 295 -12.85 -9.39 -6.10
C LYS D 295 -11.77 -8.46 -6.59
N TYR D 296 -12.01 -7.16 -6.42
CA TYR D 296 -11.05 -6.17 -6.84
C TYR D 296 -11.35 -4.84 -6.17
N PHE D 297 -10.37 -3.95 -6.19
CA PHE D 297 -10.50 -2.64 -5.58
C PHE D 297 -10.82 -1.62 -6.68
N GLU D 298 -11.97 -0.97 -6.56
CA GLU D 298 -12.41 0.01 -7.54
C GLU D 298 -11.56 1.26 -7.67
N MET D 299 -11.30 1.94 -6.57
CA MET D 299 -10.49 3.15 -6.63
C MET D 299 -9.09 2.89 -7.21
N GLY D 300 -8.69 3.70 -8.18
CA GLY D 300 -7.39 3.53 -8.79
C GLY D 300 -7.42 2.73 -10.09
N SER D 301 -8.49 1.97 -10.31
CA SER D 301 -8.62 1.18 -11.54
C SER D 301 -8.57 2.12 -12.75
N LYS D 302 -7.75 1.79 -13.74
CA LYS D 302 -7.65 2.58 -14.95
C LYS D 302 -8.48 1.96 -16.06
N ASP D 303 -7.97 0.89 -16.68
CA ASP D 303 -8.70 0.24 -17.75
C ASP D 303 -9.32 -1.10 -17.36
N CYS D 304 -8.97 -1.58 -16.16
CA CYS D 304 -9.49 -2.86 -15.68
C CYS D 304 -9.33 -2.91 -14.17
N PRO D 305 -9.92 -3.93 -13.52
CA PRO D 305 -9.85 -4.09 -12.08
C PRO D 305 -8.45 -4.01 -11.48
N ARG D 306 -8.34 -3.29 -10.36
CA ARG D 306 -7.09 -3.13 -9.63
C ARG D 306 -7.07 -4.19 -8.53
N PHE D 307 -5.91 -4.81 -8.29
CA PHE D 307 -5.78 -5.84 -7.26
C PHE D 307 -6.74 -7.04 -7.43
N PRO D 308 -6.91 -7.53 -8.65
CA PRO D 308 -7.81 -8.67 -8.84
C PRO D 308 -7.38 -9.91 -8.05
N VAL D 309 -8.31 -10.50 -7.32
CA VAL D 309 -8.06 -11.71 -6.54
C VAL D 309 -9.17 -12.73 -6.78
N PHE D 310 -8.76 -13.96 -7.08
CA PHE D 310 -9.67 -15.06 -7.35
C PHE D 310 -10.37 -15.48 -6.08
N ILE D 311 -11.66 -15.75 -6.18
CA ILE D 311 -12.43 -16.17 -5.02
C ILE D 311 -12.93 -17.60 -5.20
N GLY D 312 -13.54 -17.89 -6.35
CA GLY D 312 -14.04 -19.23 -6.59
C GLY D 312 -14.65 -19.39 -7.97
N ILE D 313 -15.21 -20.57 -8.22
CA ILE D 313 -15.84 -20.85 -9.51
C ILE D 313 -17.38 -20.90 -9.40
N ARG D 314 -18.04 -20.60 -10.51
CA ARG D 314 -19.51 -20.63 -10.61
C ARG D 314 -20.21 -19.64 -9.68
#